data_7O6M
#
_entry.id   7O6M
#
_cell.length_a   82.328
_cell.length_b   112.518
_cell.length_c   62.677
_cell.angle_alpha   90.000
_cell.angle_beta   90.000
_cell.angle_gamma   90.000
#
_symmetry.space_group_name_H-M   'C 2 2 21'
#
loop_
_entity.id
_entity.type
_entity.pdbx_description
1 polymer '14-3-3 protein sigma'
2 polymer 'Transcription factor p65'
3 non-polymer '(5-methanoyl-2-nitro-phenyl) 1-methylpyrazole-4-sulfonate'
4 non-polymer 'CALCIUM ION'
5 non-polymer 'CHLORIDE ION'
6 water water
#
loop_
_entity_poly.entity_id
_entity_poly.type
_entity_poly.pdbx_seq_one_letter_code
_entity_poly.pdbx_strand_id
1 'polypeptide(L)'
;GAMGSMERASLIQKAKLAEQAERYEDMAAFMKGAVEKGEELS(CSO)EERNLLSVAYKNVVGGQRAAWRVLSSIEQKSNE
EGSEEKGPEVREYREKVETELQGVCDTVLGLLDSHLIKEAGDAESRVFYLKMKGDYYRYLAEVATGDDKKRIIDSARSAY
QEAMDISKKEMPPTNPIRLGLALNFSVFHYEIANSPEEAISLAKTTFDEAMADLHTLSEDSYKDSTLIMQLLRDNLTLWT
;
A
2 'polypeptide(L)' EGRSAG(SEP)IPGRRS P
#
loop_
_chem_comp.id
_chem_comp.type
_chem_comp.name
_chem_comp.formula
CA non-polymer 'CALCIUM ION' 'Ca 2'
CL non-polymer 'CHLORIDE ION' 'Cl -1'
V42 non-polymer '(5-methanoyl-2-nitro-phenyl) 1-methylpyrazole-4-sulfonate' 'C11 H9 N3 O6 S'
#
# COMPACT_ATOMS: atom_id res chain seq x y z
N ALA A 2 5.48 -5.44 -21.97
CA ALA A 2 5.90 -5.06 -23.32
C ALA A 2 7.21 -4.31 -23.25
N MET A 3 7.82 -4.33 -22.06
CA MET A 3 9.03 -3.58 -21.74
C MET A 3 10.28 -4.44 -21.84
N GLY A 4 10.15 -5.67 -22.34
CA GLY A 4 11.27 -6.57 -22.36
C GLY A 4 12.45 -6.13 -23.19
N SER A 5 12.22 -5.28 -24.20
N SER A 5 12.20 -5.27 -24.19
CA SER A 5 13.32 -4.80 -25.02
CA SER A 5 13.30 -4.80 -25.02
C SER A 5 14.01 -3.57 -24.46
C SER A 5 14.01 -3.58 -24.45
N MET A 6 13.50 -2.96 -23.38
CA MET A 6 14.12 -1.76 -22.85
C MET A 6 15.07 -2.09 -21.69
N GLU A 7 16.22 -1.42 -21.67
CA GLU A 7 17.19 -1.63 -20.58
C GLU A 7 16.56 -1.35 -19.23
N ARG A 8 16.97 -2.11 -18.21
CA ARG A 8 16.51 -1.86 -16.84
C ARG A 8 16.75 -0.41 -16.46
N ALA A 9 17.95 0.10 -16.73
CA ALA A 9 18.24 1.44 -16.25
C ALA A 9 17.36 2.48 -16.95
N SER A 10 17.01 2.22 -18.21
CA SER A 10 16.13 3.13 -18.97
C SER A 10 14.70 3.08 -18.46
N LEU A 11 14.23 1.88 -18.05
CA LEU A 11 12.91 1.79 -17.42
C LEU A 11 12.87 2.60 -16.13
N ILE A 12 13.92 2.52 -15.33
N ILE A 12 13.92 2.56 -15.33
CA ILE A 12 13.95 3.25 -14.07
CA ILE A 12 13.88 3.29 -14.07
C ILE A 12 13.95 4.74 -14.33
C ILE A 12 13.97 4.78 -14.32
N GLN A 13 14.80 5.18 -15.28
CA GLN A 13 14.86 6.61 -15.62
C GLN A 13 13.51 7.10 -16.13
N LYS A 14 12.84 6.32 -16.98
CA LYS A 14 11.53 6.74 -17.48
C LYS A 14 10.50 6.71 -16.39
N ALA A 15 10.57 5.77 -15.41
CA ALA A 15 9.62 5.83 -14.31
C ALA A 15 9.77 7.13 -13.55
N LYS A 16 11.00 7.61 -13.37
CA LYS A 16 11.19 8.88 -12.67
C LYS A 16 10.64 10.05 -13.47
N LEU A 17 10.83 10.02 -14.78
CA LEU A 17 10.26 11.08 -15.64
C LEU A 17 8.75 11.04 -15.61
N ALA A 18 8.18 9.84 -15.69
CA ALA A 18 6.73 9.72 -15.62
C ALA A 18 6.20 10.23 -14.31
N GLU A 19 6.89 10.01 -13.18
CA GLU A 19 6.42 10.60 -11.94
C GLU A 19 6.40 12.13 -12.03
N GLN A 20 7.45 12.71 -12.62
CA GLN A 20 7.51 14.16 -12.73
C GLN A 20 6.39 14.67 -13.59
N ALA A 21 5.98 13.92 -14.61
CA ALA A 21 4.94 14.29 -15.56
C ALA A 21 3.54 13.90 -15.06
N GLU A 22 3.46 13.30 -13.87
CA GLU A 22 2.20 12.79 -13.32
C GLU A 22 1.52 11.79 -14.26
N ARG A 23 2.32 10.94 -14.89
CA ARG A 23 1.84 9.91 -15.79
C ARG A 23 2.00 8.59 -15.04
N TYR A 24 1.07 8.33 -14.12
CA TYR A 24 1.28 7.21 -13.20
C TYR A 24 1.04 5.88 -13.82
N GLU A 25 0.13 5.77 -14.78
N GLU A 25 0.13 5.76 -14.79
CA GLU A 25 -0.03 4.51 -15.50
CA GLU A 25 -0.02 4.49 -15.50
C GLU A 25 1.27 4.14 -16.22
C GLU A 25 1.27 4.14 -16.22
N ASP A 26 1.88 5.11 -16.90
CA ASP A 26 3.18 4.85 -17.54
C ASP A 26 4.20 4.48 -16.49
N MET A 27 4.20 5.20 -15.36
CA MET A 27 5.20 4.91 -14.33
C MET A 27 5.06 3.50 -13.83
N ALA A 28 3.83 3.03 -13.64
CA ALA A 28 3.64 1.67 -13.18
C ALA A 28 4.08 0.67 -14.22
N ALA A 29 3.80 0.93 -15.49
CA ALA A 29 4.25 0.00 -16.53
C ALA A 29 5.78 -0.05 -16.61
N PHE A 30 6.46 1.09 -16.47
CA PHE A 30 7.90 1.07 -16.48
C PHE A 30 8.44 0.29 -15.30
N MET A 31 7.84 0.47 -14.09
CA MET A 31 8.37 -0.25 -12.94
C MET A 31 8.00 -1.73 -12.99
N LYS A 32 6.86 -2.11 -13.56
CA LYS A 32 6.59 -3.53 -13.78
C LYS A 32 7.67 -4.11 -14.67
N GLY A 33 7.99 -3.39 -15.77
CA GLY A 33 9.05 -3.87 -16.63
C GLY A 33 10.37 -4.01 -15.91
N ALA A 34 10.68 -3.06 -15.03
CA ALA A 34 11.94 -3.18 -14.28
C ALA A 34 11.92 -4.39 -13.35
N VAL A 35 10.82 -4.62 -12.63
CA VAL A 35 10.75 -5.80 -11.77
C VAL A 35 10.94 -7.05 -12.60
N GLU A 36 10.30 -7.11 -13.77
CA GLU A 36 10.39 -8.33 -14.57
C GLU A 36 11.76 -8.56 -15.15
N LYS A 37 12.72 -7.65 -15.00
CA LYS A 37 14.08 -7.98 -15.35
C LYS A 37 14.67 -9.04 -14.42
N GLY A 38 14.09 -9.22 -13.23
CA GLY A 38 14.48 -10.33 -12.38
C GLY A 38 15.47 -10.00 -11.31
N GLU A 39 16.07 -8.81 -11.34
N GLU A 39 16.04 -8.80 -11.33
CA GLU A 39 16.96 -8.40 -10.26
CA GLU A 39 16.96 -8.35 -10.29
C GLU A 39 16.15 -7.85 -9.09
C GLU A 39 16.18 -7.78 -9.11
N GLU A 40 16.76 -7.91 -7.91
CA GLU A 40 16.17 -7.26 -6.75
C GLU A 40 16.12 -5.74 -6.97
N LEU A 41 15.23 -5.04 -6.23
CA LEU A 41 15.04 -3.59 -6.34
C LEU A 41 15.78 -2.93 -5.17
N SER A 42 16.41 -1.83 -5.46
CA SER A 42 16.99 -1.02 -4.38
C SER A 42 15.89 -0.31 -3.59
N CSO A 43 16.27 0.42 -2.52
CA CSO A 43 15.31 1.13 -1.74
CB CSO A 43 16.11 1.78 -0.58
SG CSO A 43 15.05 2.77 0.47
C CSO A 43 14.57 2.17 -2.61
O CSO A 43 13.34 2.27 -2.56
OD CSO A 43 14.92 4.44 -0.20
N GLU A 44 15.30 2.95 -3.40
CA GLU A 44 14.67 3.96 -4.21
C GLU A 44 13.73 3.31 -5.26
N GLU A 45 14.18 2.21 -5.85
CA GLU A 45 13.35 1.54 -6.85
C GLU A 45 12.08 0.96 -6.23
N ARG A 46 12.16 0.42 -5.01
CA ARG A 46 10.96 -0.04 -4.32
C ARG A 46 9.98 1.09 -4.13
N ASN A 47 10.48 2.27 -3.77
CA ASN A 47 9.59 3.40 -3.60
C ASN A 47 8.98 3.79 -4.92
N LEU A 48 9.72 3.73 -6.04
CA LEU A 48 9.09 4.09 -7.31
C LEU A 48 7.99 3.11 -7.67
N LEU A 49 8.20 1.82 -7.41
CA LEU A 49 7.17 0.82 -7.68
C LEU A 49 5.93 1.11 -6.86
N SER A 50 6.11 1.40 -5.57
CA SER A 50 4.96 1.62 -4.71
C SER A 50 4.23 2.91 -5.06
N VAL A 51 4.95 3.99 -5.34
CA VAL A 51 4.28 5.25 -5.66
C VAL A 51 3.47 5.09 -6.95
N ALA A 52 4.03 4.40 -7.94
CA ALA A 52 3.33 4.26 -9.21
C ALA A 52 2.00 3.57 -9.01
N TYR A 53 2.02 2.38 -8.38
CA TYR A 53 0.79 1.61 -8.24
C TYR A 53 -0.15 2.27 -7.26
N LYS A 54 0.36 3.00 -6.25
CA LYS A 54 -0.54 3.62 -5.30
C LYS A 54 -1.34 4.68 -5.99
N ASN A 55 -0.72 5.44 -6.88
CA ASN A 55 -1.47 6.45 -7.62
C ASN A 55 -2.45 5.82 -8.59
N VAL A 56 -2.07 4.75 -9.30
CA VAL A 56 -3.02 4.13 -10.23
C VAL A 56 -4.21 3.61 -9.46
N VAL A 57 -3.98 2.80 -8.41
N VAL A 57 -3.98 2.75 -8.45
CA VAL A 57 -5.10 2.21 -7.72
CA VAL A 57 -5.11 2.21 -7.68
C VAL A 57 -5.83 3.26 -6.92
C VAL A 57 -5.85 3.30 -6.96
N GLY A 58 -5.16 4.35 -6.51
CA GLY A 58 -5.87 5.41 -5.81
C GLY A 58 -6.90 6.08 -6.66
N GLY A 59 -6.60 6.32 -7.93
CA GLY A 59 -7.58 6.87 -8.85
C GLY A 59 -8.74 5.91 -9.04
N GLN A 60 -8.46 4.62 -9.16
CA GLN A 60 -9.52 3.65 -9.36
C GLN A 60 -10.40 3.55 -8.14
N ARG A 61 -9.80 3.55 -6.96
CA ARG A 61 -10.61 3.48 -5.73
C ARG A 61 -11.50 4.71 -5.59
N ALA A 62 -10.98 5.89 -5.91
CA ALA A 62 -11.81 7.08 -5.81
C ALA A 62 -12.97 6.99 -6.78
N ALA A 63 -12.74 6.53 -8.00
CA ALA A 63 -13.82 6.39 -8.98
C ALA A 63 -14.83 5.34 -8.54
N TRP A 64 -14.36 4.21 -8.02
CA TRP A 64 -15.24 3.17 -7.53
C TRP A 64 -16.12 3.70 -6.41
N ARG A 65 -15.57 4.52 -5.52
CA ARG A 65 -16.39 5.06 -4.43
C ARG A 65 -17.44 6.02 -4.94
N VAL A 66 -17.11 6.85 -5.94
CA VAL A 66 -18.10 7.74 -6.55
C VAL A 66 -19.24 6.93 -7.15
N LEU A 67 -18.89 5.90 -7.93
CA LEU A 67 -19.88 5.09 -8.63
C LEU A 67 -20.69 4.27 -7.65
N SER A 68 -20.03 3.71 -6.63
N SER A 68 -20.04 3.69 -6.63
CA SER A 68 -20.75 2.90 -5.64
CA SER A 68 -20.82 2.92 -5.66
C SER A 68 -21.78 3.76 -4.89
C SER A 68 -21.82 3.79 -4.94
N SER A 69 -21.44 5.02 -4.64
CA SER A 69 -22.36 5.92 -3.95
C SER A 69 -23.56 6.23 -4.82
N ILE A 70 -23.34 6.47 -6.11
CA ILE A 70 -24.46 6.70 -7.03
C ILE A 70 -25.33 5.47 -7.11
N GLU A 71 -24.72 4.29 -7.23
CA GLU A 71 -25.46 3.05 -7.37
C GLU A 71 -26.33 2.81 -6.16
N GLN A 72 -25.81 3.13 -4.97
CA GLN A 72 -26.58 2.90 -3.75
C GLN A 72 -27.72 3.89 -3.62
N LYS A 73 -27.52 5.14 -4.05
CA LYS A 73 -28.64 6.08 -4.14
C LYS A 73 -29.74 5.57 -5.07
N SER A 74 -29.38 4.93 -6.18
CA SER A 74 -30.39 4.48 -7.13
C SER A 74 -31.13 3.24 -6.63
N ASN A 75 -30.64 2.57 -5.59
CA ASN A 75 -31.29 1.37 -5.09
C ASN A 75 -31.94 1.61 -3.72
N GLY A 83 -31.90 2.03 -15.05
CA GLY A 83 -31.28 1.07 -15.94
C GLY A 83 -30.00 0.47 -15.38
N PRO A 84 -29.42 -0.48 -16.10
CA PRO A 84 -28.23 -1.17 -15.57
C PRO A 84 -26.95 -0.33 -15.62
N GLU A 85 -26.95 0.93 -16.08
CA GLU A 85 -25.69 1.56 -16.48
C GLU A 85 -24.80 1.84 -15.29
N VAL A 86 -25.34 2.31 -14.16
CA VAL A 86 -24.43 2.66 -13.05
C VAL A 86 -23.77 1.40 -12.51
N ARG A 87 -24.55 0.34 -12.33
CA ARG A 87 -23.97 -0.94 -11.90
C ARG A 87 -22.98 -1.46 -12.92
N GLU A 88 -23.32 -1.41 -14.21
CA GLU A 88 -22.40 -1.95 -15.19
C GLU A 88 -21.07 -1.19 -15.17
N TYR A 89 -21.14 0.13 -15.05
CA TYR A 89 -19.91 0.92 -15.09
C TYR A 89 -19.13 0.79 -13.79
N ARG A 90 -19.82 0.73 -12.64
CA ARG A 90 -19.12 0.40 -11.39
C ARG A 90 -18.42 -0.94 -11.50
N GLU A 91 -19.05 -1.95 -12.11
CA GLU A 91 -18.43 -3.26 -12.29
C GLU A 91 -17.21 -3.16 -13.18
N LYS A 92 -17.26 -2.33 -14.24
CA LYS A 92 -16.10 -2.22 -15.11
C LYS A 92 -14.92 -1.64 -14.32
N VAL A 93 -15.18 -0.56 -13.60
CA VAL A 93 -14.12 0.06 -12.80
C VAL A 93 -13.60 -0.93 -11.76
N GLU A 94 -14.50 -1.67 -11.12
CA GLU A 94 -14.10 -2.64 -10.13
C GLU A 94 -13.22 -3.71 -10.73
N THR A 95 -13.52 -4.19 -11.92
CA THR A 95 -12.71 -5.23 -12.53
C THR A 95 -11.33 -4.69 -12.86
N GLU A 96 -11.25 -3.45 -13.32
N GLU A 96 -11.27 -3.46 -13.36
CA GLU A 96 -9.96 -2.85 -13.66
CA GLU A 96 -10.00 -2.83 -13.67
C GLU A 96 -9.13 -2.63 -12.41
C GLU A 96 -9.16 -2.74 -12.40
N LEU A 97 -9.79 -2.25 -11.31
N LEU A 97 -9.75 -2.18 -11.33
CA LEU A 97 -9.09 -2.12 -10.03
CA LEU A 97 -9.08 -2.13 -10.02
C LEU A 97 -8.58 -3.49 -9.57
C LEU A 97 -8.59 -3.48 -9.56
N GLN A 98 -9.41 -4.51 -9.64
CA GLN A 98 -8.98 -5.85 -9.26
C GLN A 98 -7.81 -6.29 -10.10
N GLY A 99 -7.82 -5.93 -11.39
CA GLY A 99 -6.71 -6.37 -12.22
C GLY A 99 -5.40 -5.72 -11.84
N VAL A 100 -5.42 -4.44 -11.50
CA VAL A 100 -4.21 -3.77 -11.02
C VAL A 100 -3.73 -4.38 -9.71
N CYS A 101 -4.64 -4.66 -8.78
CA CYS A 101 -4.22 -5.29 -7.53
C CYS A 101 -3.63 -6.65 -7.78
N ASP A 102 -4.25 -7.44 -8.68
CA ASP A 102 -3.70 -8.75 -9.01
C ASP A 102 -2.34 -8.62 -9.67
N THR A 103 -2.13 -7.58 -10.49
CA THR A 103 -0.81 -7.41 -11.11
C THR A 103 0.26 -7.14 -10.05
N VAL A 104 -0.03 -6.25 -9.12
CA VAL A 104 0.95 -5.93 -8.06
C VAL A 104 1.21 -7.16 -7.23
N LEU A 105 0.14 -7.86 -6.81
CA LEU A 105 0.31 -9.06 -6.02
C LEU A 105 1.15 -10.07 -6.77
N GLY A 106 0.95 -10.15 -8.08
CA GLY A 106 1.73 -11.09 -8.87
C GLY A 106 3.20 -10.76 -8.92
N LEU A 107 3.55 -9.48 -9.00
CA LEU A 107 4.95 -9.09 -8.93
C LEU A 107 5.54 -9.44 -7.59
N LEU A 108 4.78 -9.21 -6.53
CA LEU A 108 5.29 -9.55 -5.20
C LEU A 108 5.52 -11.04 -5.06
N ASP A 109 4.63 -11.84 -5.65
CA ASP A 109 4.74 -13.28 -5.56
C ASP A 109 5.72 -13.86 -6.57
N SER A 110 6.09 -13.10 -7.61
CA SER A 110 6.98 -13.62 -8.68
C SER A 110 7.96 -12.53 -9.10
N HIS A 111 9.01 -12.27 -8.32
CA HIS A 111 9.45 -13.08 -7.16
C HIS A 111 10.02 -12.18 -6.10
N LEU A 112 9.39 -10.99 -5.93
CA LEU A 112 10.03 -9.99 -5.08
C LEU A 112 10.13 -10.45 -3.61
N ILE A 113 9.05 -10.98 -3.03
CA ILE A 113 9.10 -11.35 -1.61
C ILE A 113 10.08 -12.47 -1.36
N LYS A 114 10.06 -13.50 -2.19
CA LYS A 114 10.91 -14.64 -1.90
C LYS A 114 12.38 -14.30 -1.97
N GLU A 115 12.77 -13.30 -2.75
CA GLU A 115 14.17 -12.89 -2.81
C GLU A 115 14.52 -11.82 -1.80
N ALA A 116 13.55 -11.33 -1.03
CA ALA A 116 13.80 -10.20 -0.10
C ALA A 116 14.24 -10.76 1.25
N GLY A 117 15.51 -10.60 1.58
CA GLY A 117 16.05 -11.14 2.82
C GLY A 117 16.33 -10.09 3.87
N ASP A 118 16.58 -8.86 3.46
CA ASP A 118 16.81 -7.85 4.47
C ASP A 118 15.47 -7.39 5.01
N ALA A 119 15.44 -6.99 6.28
CA ALA A 119 14.17 -6.58 6.87
C ALA A 119 13.53 -5.41 6.13
N GLU A 120 14.31 -4.41 5.70
CA GLU A 120 13.67 -3.27 5.04
C GLU A 120 13.01 -3.65 3.74
N SER A 121 13.57 -4.58 2.99
CA SER A 121 12.87 -4.97 1.78
C SER A 121 11.71 -5.91 2.06
N ARG A 122 11.90 -6.89 2.91
CA ARG A 122 10.84 -7.87 3.17
C ARG A 122 9.63 -7.22 3.83
N VAL A 123 9.85 -6.35 4.83
CA VAL A 123 8.72 -5.63 5.43
C VAL A 123 8.03 -4.75 4.40
N PHE A 124 8.82 -4.04 3.56
CA PHE A 124 8.21 -3.18 2.56
C PHE A 124 7.28 -3.99 1.65
N TYR A 125 7.74 -5.13 1.14
CA TYR A 125 6.91 -5.87 0.21
C TYR A 125 5.74 -6.52 0.90
N LEU A 126 5.89 -6.99 2.14
CA LEU A 126 4.75 -7.60 2.80
C LEU A 126 3.72 -6.55 3.18
N LYS A 127 4.13 -5.33 3.51
CA LYS A 127 3.17 -4.25 3.70
C LYS A 127 2.43 -3.99 2.39
N MET A 128 3.14 -3.95 1.26
CA MET A 128 2.44 -3.80 -0.02
C MET A 128 1.43 -4.93 -0.24
N LYS A 129 1.82 -6.18 0.06
CA LYS A 129 0.90 -7.29 -0.10
C LYS A 129 -0.35 -7.08 0.75
N GLY A 130 -0.19 -6.68 2.02
CA GLY A 130 -1.34 -6.38 2.85
C GLY A 130 -2.20 -5.28 2.25
N ASP A 131 -1.58 -4.21 1.75
CA ASP A 131 -2.31 -3.09 1.18
C ASP A 131 -3.13 -3.49 -0.03
N TYR A 132 -2.55 -4.28 -0.93
CA TYR A 132 -3.29 -4.60 -2.17
C TYR A 132 -4.36 -5.63 -1.90
N TYR A 133 -4.18 -6.56 -0.95
CA TYR A 133 -5.32 -7.37 -0.52
C TYR A 133 -6.37 -6.51 0.16
N ARG A 134 -5.94 -5.50 0.90
CA ARG A 134 -6.91 -4.60 1.51
C ARG A 134 -7.75 -3.88 0.46
N TYR A 135 -7.12 -3.39 -0.61
CA TYR A 135 -7.90 -2.76 -1.67
C TYR A 135 -8.84 -3.78 -2.34
N LEU A 136 -8.39 -5.04 -2.53
CA LEU A 136 -9.33 -6.06 -2.99
C LEU A 136 -10.49 -6.22 -2.01
N ALA A 137 -10.21 -6.17 -0.70
CA ALA A 137 -11.28 -6.42 0.28
C ALA A 137 -12.30 -5.30 0.26
N GLU A 138 -11.87 -4.09 -0.05
CA GLU A 138 -12.77 -2.93 -0.08
C GLU A 138 -13.92 -3.13 -1.07
N VAL A 139 -13.70 -3.87 -2.14
CA VAL A 139 -14.71 -4.09 -3.18
C VAL A 139 -15.30 -5.48 -3.14
N ALA A 140 -14.82 -6.35 -2.26
CA ALA A 140 -15.27 -7.73 -2.24
C ALA A 140 -16.56 -7.88 -1.45
N THR A 141 -17.29 -8.94 -1.75
CA THR A 141 -18.51 -9.24 -1.02
C THR A 141 -18.51 -10.67 -0.48
N GLY A 142 -19.08 -10.84 0.72
CA GLY A 142 -19.48 -12.18 1.16
C GLY A 142 -18.33 -13.09 1.54
N ASP A 143 -18.36 -14.33 1.04
CA ASP A 143 -17.40 -15.38 1.37
C ASP A 143 -16.28 -15.52 0.33
N ASP A 144 -16.05 -14.49 -0.48
CA ASP A 144 -14.74 -14.17 -1.01
C ASP A 144 -14.07 -13.11 -0.16
N LYS A 145 -14.89 -12.20 0.36
CA LYS A 145 -14.35 -11.15 1.20
C LYS A 145 -13.58 -11.74 2.37
N LYS A 146 -14.06 -12.85 2.95
CA LYS A 146 -13.39 -13.45 4.12
C LYS A 146 -11.98 -13.91 3.79
N ARG A 147 -11.79 -14.62 2.68
CA ARG A 147 -10.46 -15.13 2.41
C ARG A 147 -9.54 -13.97 2.04
N ILE A 148 -10.06 -12.98 1.31
CA ILE A 148 -9.23 -11.84 0.95
C ILE A 148 -8.80 -11.07 2.20
N ILE A 149 -9.72 -10.85 3.15
CA ILE A 149 -9.40 -10.22 4.42
C ILE A 149 -8.33 -11.01 5.15
N ASP A 150 -8.44 -12.33 5.16
CA ASP A 150 -7.42 -13.10 5.84
C ASP A 150 -6.05 -13.00 5.18
N SER A 151 -6.04 -12.93 3.85
CA SER A 151 -4.77 -12.76 3.17
C SER A 151 -4.15 -11.42 3.49
N ALA A 152 -4.96 -10.36 3.58
CA ALA A 152 -4.39 -9.06 3.99
C ALA A 152 -3.83 -9.16 5.38
N ARG A 153 -4.64 -9.71 6.30
N ARG A 153 -4.64 -9.71 6.29
CA ARG A 153 -4.21 -9.79 7.70
CA ARG A 153 -4.22 -9.81 7.68
C ARG A 153 -2.91 -10.58 7.84
C ARG A 153 -2.92 -10.57 7.83
N SER A 154 -2.80 -11.70 7.15
CA SER A 154 -1.64 -12.55 7.26
C SER A 154 -0.39 -11.83 6.76
N ALA A 155 -0.51 -11.06 5.67
CA ALA A 155 0.64 -10.32 5.15
C ALA A 155 1.07 -9.22 6.12
N TYR A 156 0.09 -8.44 6.60
CA TYR A 156 0.43 -7.40 7.57
C TYR A 156 1.03 -7.98 8.83
N GLN A 157 0.53 -9.13 9.28
CA GLN A 157 1.03 -9.69 10.53
C GLN A 157 2.46 -10.17 10.36
N GLU A 158 2.78 -10.83 9.24
CA GLU A 158 4.18 -11.23 9.05
C GLU A 158 5.07 -10.00 9.00
N ALA A 159 4.66 -8.95 8.31
CA ALA A 159 5.47 -7.73 8.28
C ALA A 159 5.63 -7.15 9.67
N MET A 160 4.55 -7.18 10.47
CA MET A 160 4.65 -6.63 11.82
C MET A 160 5.64 -7.43 12.63
N ASP A 161 5.57 -8.75 12.52
CA ASP A 161 6.47 -9.55 13.35
C ASP A 161 7.92 -9.28 12.99
N ILE A 162 8.25 -9.17 11.70
CA ILE A 162 9.62 -8.85 11.32
C ILE A 162 10.00 -7.47 11.80
N SER A 163 9.10 -6.49 11.61
CA SER A 163 9.45 -5.10 11.92
C SER A 163 9.74 -4.95 13.40
N LYS A 164 8.99 -5.67 14.25
CA LYS A 164 9.22 -5.50 15.68
C LYS A 164 10.55 -6.12 16.10
N LYS A 165 10.98 -7.19 15.44
CA LYS A 165 12.24 -7.83 15.78
C LYS A 165 13.44 -7.09 15.20
N GLU A 166 13.29 -6.47 14.00
CA GLU A 166 14.41 -6.02 13.21
C GLU A 166 14.56 -4.53 13.03
N MET A 167 13.54 -3.72 13.35
CA MET A 167 13.65 -2.29 13.06
C MET A 167 13.33 -1.51 14.32
N PRO A 168 13.90 -0.30 14.46
CA PRO A 168 13.54 0.52 15.62
C PRO A 168 12.11 1.01 15.49
N PRO A 169 11.50 1.39 16.60
CA PRO A 169 10.11 1.80 16.57
C PRO A 169 9.86 3.08 15.83
N THR A 170 10.90 3.86 15.48
CA THR A 170 10.72 5.03 14.64
C THR A 170 10.96 4.77 13.17
N ASN A 171 11.34 3.56 12.76
CA ASN A 171 11.63 3.38 11.34
C ASN A 171 10.39 3.73 10.51
N PRO A 172 10.50 4.56 9.47
CA PRO A 172 9.31 4.98 8.75
C PRO A 172 8.52 3.86 8.11
N ILE A 173 9.21 2.80 7.64
CA ILE A 173 8.47 1.66 7.10
C ILE A 173 7.68 0.97 8.19
N ARG A 174 8.30 0.76 9.33
CA ARG A 174 7.59 0.18 10.49
C ARG A 174 6.41 1.03 10.89
N LEU A 175 6.57 2.36 10.91
CA LEU A 175 5.47 3.23 11.26
C LEU A 175 4.37 3.18 10.24
N GLY A 176 4.71 3.23 8.94
CA GLY A 176 3.67 3.20 7.93
C GLY A 176 2.94 1.87 7.88
N LEU A 177 3.67 0.78 8.10
CA LEU A 177 3.03 -0.54 8.22
C LEU A 177 2.00 -0.53 9.34
N ALA A 178 2.39 -0.04 10.51
CA ALA A 178 1.46 -0.04 11.63
C ALA A 178 0.28 0.86 11.37
N LEU A 179 0.52 2.03 10.76
CA LEU A 179 -0.59 2.90 10.37
C LEU A 179 -1.57 2.15 9.46
N ASN A 180 -1.05 1.52 8.41
CA ASN A 180 -1.96 0.90 7.46
C ASN A 180 -2.64 -0.34 8.04
N PHE A 181 -1.94 -1.10 8.91
CA PHE A 181 -2.61 -2.24 9.54
C PHE A 181 -3.68 -1.77 10.48
N SER A 182 -3.43 -0.65 11.16
N SER A 182 -3.47 -0.61 11.14
CA SER A 182 -4.47 -0.03 11.97
CA SER A 182 -4.54 -0.08 11.99
C SER A 182 -5.71 0.32 11.15
C SER A 182 -5.74 0.33 11.16
N VAL A 183 -5.51 0.90 9.96
CA VAL A 183 -6.65 1.22 9.08
C VAL A 183 -7.34 -0.05 8.64
N PHE A 184 -6.57 -1.11 8.30
CA PHE A 184 -7.17 -2.40 8.04
C PHE A 184 -8.11 -2.81 9.18
N HIS A 185 -7.63 -2.72 10.44
CA HIS A 185 -8.47 -3.16 11.54
C HIS A 185 -9.73 -2.34 11.60
N TYR A 186 -9.59 -1.01 11.47
CA TYR A 186 -10.75 -0.14 11.65
C TYR A 186 -11.74 -0.27 10.49
N GLU A 187 -11.24 -0.30 9.26
CA GLU A 187 -12.12 -0.14 8.10
C GLU A 187 -12.53 -1.45 7.48
N ILE A 188 -11.71 -2.48 7.58
CA ILE A 188 -11.95 -3.75 6.89
C ILE A 188 -12.39 -4.82 7.86
N ALA A 189 -11.66 -4.97 8.99
CA ALA A 189 -11.85 -6.09 9.88
C ALA A 189 -12.87 -5.81 10.98
N ASN A 190 -13.49 -4.65 10.98
CA ASN A 190 -14.49 -4.32 12.01
C ASN A 190 -13.93 -4.48 13.41
N SER A 191 -12.66 -4.06 13.58
CA SER A 191 -11.98 -4.17 14.88
C SER A 191 -11.48 -2.81 15.27
N PRO A 192 -12.36 -1.84 15.54
CA PRO A 192 -11.90 -0.49 15.86
C PRO A 192 -11.07 -0.47 17.13
N GLU A 193 -11.35 -1.32 18.09
CA GLU A 193 -10.54 -1.24 19.31
C GLU A 193 -9.13 -1.71 19.04
N GLU A 194 -8.93 -2.73 18.18
CA GLU A 194 -7.60 -3.16 17.80
C GLU A 194 -6.89 -2.08 17.01
N ALA A 195 -7.62 -1.38 16.14
CA ALA A 195 -7.02 -0.26 15.41
C ALA A 195 -6.50 0.83 16.35
N ILE A 196 -7.30 1.21 17.36
CA ILE A 196 -6.93 2.25 18.28
C ILE A 196 -5.75 1.82 19.14
N SER A 197 -5.77 0.57 19.63
N SER A 197 -5.78 0.59 19.64
CA SER A 197 -4.67 0.08 20.45
CA SER A 197 -4.68 0.09 20.45
C SER A 197 -3.38 0.07 19.66
C SER A 197 -3.39 0.06 19.67
N LEU A 198 -3.43 -0.44 18.43
CA LEU A 198 -2.21 -0.47 17.63
C LEU A 198 -1.70 0.92 17.33
N ALA A 199 -2.57 1.85 16.99
CA ALA A 199 -2.10 3.20 16.69
C ALA A 199 -1.49 3.85 17.93
N LYS A 200 -2.13 3.66 19.09
CA LYS A 200 -1.62 4.28 20.32
C LYS A 200 -0.29 3.68 20.73
N THR A 201 -0.19 2.36 20.74
N THR A 201 -0.17 2.36 20.77
CA THR A 201 1.05 1.72 21.12
CA THR A 201 1.12 1.82 21.16
C THR A 201 2.18 2.10 20.16
C THR A 201 2.21 2.17 20.16
N THR A 202 1.89 2.15 18.86
CA THR A 202 2.91 2.53 17.88
C THR A 202 3.37 3.95 18.12
N PHE A 203 2.43 4.86 18.36
CA PHE A 203 2.81 6.25 18.56
C PHE A 203 3.68 6.39 19.80
N ASP A 204 3.29 5.74 20.89
CA ASP A 204 4.01 5.90 22.16
C ASP A 204 5.40 5.31 22.07
N GLU A 205 5.55 4.18 21.40
CA GLU A 205 6.86 3.58 21.30
C GLU A 205 7.76 4.38 20.39
N ALA A 206 7.20 5.01 19.37
CA ALA A 206 8.02 5.89 18.53
C ALA A 206 8.44 7.13 19.29
N MET A 207 7.50 7.74 20.02
CA MET A 207 7.85 8.93 20.78
C MET A 207 9.06 8.70 21.65
N ALA A 208 9.09 7.56 22.32
CA ALA A 208 10.17 7.23 23.24
C ALA A 208 11.50 6.98 22.58
N ASP A 209 11.52 6.78 21.26
CA ASP A 209 12.74 6.54 20.52
C ASP A 209 13.20 7.76 19.70
N LEU A 210 12.43 8.85 19.69
CA LEU A 210 12.78 10.02 18.89
C LEU A 210 14.13 10.60 19.30
N HIS A 211 14.51 10.44 20.57
CA HIS A 211 15.73 11.08 21.05
C HIS A 211 16.97 10.52 20.37
N THR A 212 16.86 9.33 19.75
CA THR A 212 18.01 8.72 19.10
C THR A 212 18.26 9.23 17.71
N LEU A 213 17.38 10.03 17.14
CA LEU A 213 17.36 10.35 15.72
C LEU A 213 18.06 11.67 15.41
N SER A 214 18.59 11.75 14.19
CA SER A 214 19.03 13.01 13.62
C SER A 214 17.86 13.89 13.28
N GLU A 215 18.18 15.15 12.98
CA GLU A 215 17.15 16.12 12.61
C GLU A 215 16.32 15.63 11.43
N ASP A 216 16.96 15.06 10.40
CA ASP A 216 16.22 14.65 9.21
C ASP A 216 15.40 13.38 9.48
N SER A 217 15.95 12.41 10.21
CA SER A 217 15.16 11.23 10.57
C SER A 217 14.01 11.60 11.49
N TYR A 218 14.24 12.54 12.41
CA TYR A 218 13.15 13.01 13.26
C TYR A 218 12.00 13.56 12.44
N LYS A 219 12.32 14.34 11.41
CA LYS A 219 11.27 14.87 10.56
C LYS A 219 10.50 13.73 9.86
N ASP A 220 11.23 12.74 9.36
CA ASP A 220 10.58 11.60 8.68
C ASP A 220 9.63 10.86 9.63
N SER A 221 10.11 10.54 10.84
CA SER A 221 9.30 9.75 11.76
C SER A 221 8.12 10.55 12.30
N THR A 222 8.35 11.82 12.67
CA THR A 222 7.25 12.57 13.24
C THR A 222 6.15 12.83 12.22
N LEU A 223 6.51 12.92 10.93
CA LEU A 223 5.45 13.08 9.92
C LEU A 223 4.47 11.93 9.98
N ILE A 224 4.96 10.71 10.06
CA ILE A 224 4.05 9.54 10.08
C ILE A 224 3.36 9.44 11.43
N MET A 225 4.05 9.83 12.50
CA MET A 225 3.39 9.79 13.80
C MET A 225 2.18 10.72 13.81
N GLN A 226 2.28 11.86 13.11
CA GLN A 226 1.14 12.75 13.06
C GLN A 226 -0.05 12.10 12.40
N LEU A 227 0.19 11.28 11.37
CA LEU A 227 -0.91 10.53 10.76
C LEU A 227 -1.54 9.55 11.75
N LEU A 228 -0.73 8.86 12.56
CA LEU A 228 -1.31 7.99 13.58
C LEU A 228 -2.19 8.80 14.53
N ARG A 229 -1.70 9.98 14.96
CA ARG A 229 -2.49 10.81 15.88
C ARG A 229 -3.75 11.32 15.21
N ASP A 230 -3.67 11.68 13.92
CA ASP A 230 -4.88 12.16 13.22
C ASP A 230 -5.94 11.07 13.18
N ASN A 231 -5.52 9.81 12.94
CA ASN A 231 -6.51 8.75 12.97
C ASN A 231 -7.05 8.56 14.37
N LEU A 232 -6.19 8.57 15.39
CA LEU A 232 -6.69 8.40 16.73
C LEU A 232 -7.71 9.48 17.09
N THR A 233 -7.47 10.70 16.64
CA THR A 233 -8.43 11.80 16.90
C THR A 233 -9.77 11.50 16.24
N LEU A 234 -9.73 10.99 15.03
CA LEU A 234 -10.97 10.70 14.33
C LEU A 234 -11.69 9.51 14.95
N TRP A 235 -10.97 8.57 15.58
CA TRP A 235 -11.57 7.32 16.02
C TRP A 235 -12.01 7.37 17.48
N THR A 236 -11.62 8.39 18.23
CA THR A 236 -11.91 8.50 19.65
C THR A 236 -12.51 9.88 19.98
N ALA B 5 -9.58 5.79 8.45
CA ALA B 5 -9.24 7.15 8.00
C ALA B 5 -8.09 7.21 7.00
N GLY B 6 -6.97 7.81 7.38
CA GLY B 6 -5.89 7.94 6.45
C GLY B 6 -4.88 6.81 6.57
N SEP B 7 -4.68 6.06 5.48
CA SEP B 7 -3.48 5.26 5.32
CB SEP B 7 -3.78 4.19 4.28
OG SEP B 7 -4.05 4.87 3.05
C SEP B 7 -2.32 6.14 4.84
O SEP B 7 -2.54 7.34 4.57
P SEP B 7 -4.64 3.91 1.90
O1P SEP B 7 -4.72 4.92 0.69
O2P SEP B 7 -6.02 3.44 2.29
O3P SEP B 7 -3.64 2.79 1.61
N ILE B 8 -1.14 5.59 4.68
CA ILE B 8 0.00 6.32 4.16
C ILE B 8 -0.41 6.88 2.78
N PRO B 9 -0.34 8.19 2.54
CA PRO B 9 -0.74 8.67 1.20
C PRO B 9 0.09 8.04 0.11
N GLY B 10 1.42 8.04 0.27
CA GLY B 10 2.29 7.20 -0.51
C GLY B 10 2.26 7.47 -1.99
N ARG B 11 1.86 8.66 -2.41
CA ARG B 11 1.70 8.96 -3.82
C ARG B 11 2.78 9.90 -4.35
N ARG B 12 3.80 10.24 -3.54
CA ARG B 12 4.89 11.11 -3.95
C ARG B 12 6.24 10.47 -3.60
N SER B 13 7.14 10.44 -4.58
CA SER B 13 8.57 10.06 -4.47
C SER B 13 8.95 8.67 -4.90
C01 V42 C . 7.05 10.66 1.68
C03 V42 C . 7.36 8.38 0.81
C04 V42 C . 6.60 7.25 0.69
C08 V42 C . 7.26 4.73 2.42
C09 V42 C . 7.50 5.45 3.59
C13 V42 C . 6.74 5.24 4.74
C14 V42 C . 5.72 4.29 4.71
C15 V42 C . 5.48 3.58 3.54
C16 V42 C . 4.38 2.53 3.46
C17 V42 C . 6.23 3.80 2.40
C19 V42 C . 5.36 7.52 1.22
N02 V42 C . 6.62 9.31 1.38
N10 V42 C . 8.55 6.45 3.67
N20 V42 C . 5.36 8.79 1.64
O06 V42 C . 6.08 4.78 -0.55
O07 V42 C . 7.99 4.92 1.23
O11 V42 C . 8.30 7.58 4.45
O12 V42 C . 9.58 6.28 3.09
O18 V42 C . 8.01 5.88 -1.24
S05 V42 C . 7.17 5.67 -0.01
CA CA D . 20.63 -5.05 -19.84
CL CL E . 17.98 -11.20 -1.56
#